data_7M0Z
#
_entry.id   7M0Z
#
_cell.length_a   116.784
_cell.length_b   116.784
_cell.length_c   129.256
_cell.angle_alpha   90.000
_cell.angle_beta   90.000
_cell.angle_gamma   120.000
#
_symmetry.space_group_name_H-M   'P 31 2 1'
#
loop_
_entity.id
_entity.type
_entity.pdbx_description
1 polymer 'Serine/threonine-protein kinase B-raf'
2 polymer 'Dual specificity mitogen-activated protein kinase kinase 1'
3 non-polymer 'PHOSPHOAMINOPHOSPHONIC ACID-ADENYLATE ESTER'
4 non-polymer 'MAGNESIUM ION'
5 non-polymer 'SULFATE ION'
6 non-polymer "N-(3-fluoro-4-{[4-methyl-2-oxo-7-(pyrimidin-2-yloxy)-2H-chromen-3-yl]methyl}pyridin-2-yl)-N'-methylsulfuric diamide"
#
loop_
_entity_poly.entity_id
_entity_poly.type
_entity_poly.pdbx_seq_one_letter_code
_entity_poly.pdbx_strand_id
1 'polypeptide(L)'
;GGGRDSSDDWEIPDGQITVGQRIGSGSFGTVYKGKWHGDVAVKMLNVTAPTPQQLQAFKNEVGVLRKTRHVNILLFMGYS
TKPQLAIVTQWCEGSSLYHHLHIIETKFEMIKLIDIARQTAQGMDYLHAKSIIHRDLKSNNIFLHEDLTVKIGDFGLATV
KSRWSGSHQFEQLSGSILWMAPEVIRMQDKNPYSFQSDVYAFGIVLYELMTGQLPYSNINNRDQIIFMVGRGYLSPDLSK
VRSNCPKAMKRLMAECLKKKRDERPLFPQILASIELLARSLPK
;
A
2 'polypeptide(L)'
;GGGRMPKKKPTPIQLNPAPDGSAVNGTSSAETNLEALQKKLEELELDEQQRKRLEAFLTQKQKVGELKDDDFEKISELGA
GNGGVVFKVSHKPSGLVMARKLIHLEIKPAIRNQIIRELQVLHECNSPYIVGFYGAFYSDGEISICMEHMDGGSLDQVLK
KAGRIPEQILGKVSIAVIKGLTYLREKHKIMHRDVKPSNILVNSRGEIKLCDFGVSGQLIDAMANAFVGTRSYMSPERLQ
GTHYSVQSDIWSMGLSLVEMAVGRYPIPPPDAKELELMFGCQVEGDAAETPPRPRTPGRPLSSYGMDSRPPMAIFELLDY
IVNEPPPKLPSGVFSLEFQDFVNKCLIKNPAERADLKQLMVHAFIKRSDAEEVDFAGWLCSTIGLNQPSTPTHAAGV
;
B
#
# COMPACT_ATOMS: atom_id res chain seq x y z
N ASP A 9 7.46 35.88 6.15
CA ASP A 9 8.43 34.79 6.30
C ASP A 9 8.15 33.97 7.55
N TRP A 10 7.34 32.92 7.39
CA TRP A 10 7.02 32.00 8.47
C TRP A 10 8.04 30.87 8.59
N GLU A 11 9.24 31.05 8.03
CA GLU A 11 10.23 29.99 7.97
C GLU A 11 11.03 29.91 9.26
N ILE A 12 11.35 28.69 9.68
CA ILE A 12 12.15 28.43 10.86
C ILE A 12 13.56 28.04 10.41
N PRO A 13 14.61 28.65 10.96
CA PRO A 13 15.97 28.30 10.55
C PRO A 13 16.44 26.97 11.13
N ASP A 14 17.73 26.68 10.95
CA ASP A 14 18.32 25.46 11.45
C ASP A 14 18.77 25.64 12.90
N GLY A 15 19.05 24.51 13.56
CA GLY A 15 19.45 24.53 14.95
C GLY A 15 18.37 24.92 15.93
N GLN A 16 17.21 25.36 15.46
CA GLN A 16 16.11 25.73 16.33
C GLN A 16 15.19 24.56 16.67
N ILE A 17 15.17 23.53 15.83
CA ILE A 17 14.26 22.41 15.99
C ILE A 17 15.08 21.19 16.37
N THR A 18 14.98 20.77 17.63
CA THR A 18 15.63 19.56 18.10
C THR A 18 14.80 18.36 17.66
N VAL A 19 15.22 17.71 16.57
CA VAL A 19 14.50 16.56 16.04
C VAL A 19 14.81 15.35 16.92
N GLY A 20 13.77 14.63 17.33
CA GLY A 20 13.94 13.52 18.25
C GLY A 20 13.53 12.17 17.70
N GLN A 21 12.61 11.51 18.39
CA GLN A 21 12.24 10.15 18.05
C GLN A 21 11.44 10.10 16.76
N ARG A 22 11.65 9.05 15.96
CA ARG A 22 10.85 8.81 14.78
C ARG A 22 9.52 8.19 15.18
N ILE A 23 8.42 8.78 14.70
CA ILE A 23 7.09 8.32 15.09
C ILE A 23 6.52 7.42 14.00
N GLY A 24 6.46 7.91 12.77
CA GLY A 24 5.93 7.13 11.68
C GLY A 24 5.73 7.97 10.44
N SER A 25 5.34 7.29 9.36
CA SER A 25 5.11 7.92 8.08
C SER A 25 3.65 7.77 7.68
N GLY A 26 3.21 8.66 6.81
CA GLY A 26 1.84 8.68 6.34
C GLY A 26 1.77 8.77 4.82
N SER A 27 0.78 9.53 4.34
CA SER A 27 0.57 9.64 2.90
C SER A 27 1.55 10.61 2.23
N PHE A 28 2.14 11.53 2.99
CA PHE A 28 3.02 12.51 2.35
C PHE A 28 4.19 12.97 3.23
N GLY A 29 4.55 12.23 4.26
CA GLY A 29 5.68 12.64 5.07
C GLY A 29 5.94 11.66 6.20
N THR A 30 6.99 11.96 6.95
CA THR A 30 7.39 11.17 8.11
C THR A 30 7.50 12.10 9.32
N VAL A 31 6.87 11.71 10.42
CA VAL A 31 6.71 12.59 11.58
C VAL A 31 7.75 12.22 12.64
N TYR A 32 8.40 13.23 13.20
CA TYR A 32 9.27 13.10 14.36
C TYR A 32 8.79 14.01 15.47
N LYS A 33 8.98 13.58 16.71
CA LYS A 33 8.68 14.42 17.86
C LYS A 33 9.85 15.36 18.08
N GLY A 34 9.61 16.67 17.89
CA GLY A 34 10.65 17.67 18.00
C GLY A 34 10.43 18.62 19.17
N LYS A 35 11.43 19.44 19.41
CA LYS A 35 11.39 20.47 20.44
C LYS A 35 11.56 21.84 19.78
N TRP A 36 10.69 22.78 20.16
CA TRP A 36 10.73 24.13 19.61
C TRP A 36 9.87 25.05 20.47
N HIS A 37 10.44 25.58 21.54
CA HIS A 37 9.69 26.29 22.58
C HIS A 37 8.56 25.41 23.09
N GLY A 38 8.90 24.15 23.36
CA GLY A 38 7.93 23.14 23.72
C GLY A 38 7.89 22.03 22.68
N ASP A 39 7.18 20.95 23.05
CA ASP A 39 7.05 19.81 22.15
C ASP A 39 6.28 20.21 20.89
N VAL A 40 6.83 19.82 19.74
CA VAL A 40 6.20 20.05 18.45
C VAL A 40 6.20 18.74 17.66
N ALA A 41 5.59 18.79 16.48
CA ALA A 41 5.54 17.66 15.57
C ALA A 41 6.20 18.06 14.26
N VAL A 42 7.30 17.42 13.93
CA VAL A 42 8.09 17.75 12.74
C VAL A 42 7.83 16.66 11.70
N LYS A 43 7.17 17.02 10.60
CA LYS A 43 6.87 16.10 9.52
C LYS A 43 7.82 16.40 8.35
N MET A 44 8.77 15.50 8.12
CA MET A 44 9.69 15.62 6.99
C MET A 44 8.93 15.24 5.72
N LEU A 45 8.65 16.22 4.87
CA LEU A 45 7.82 16.00 3.70
C LEU A 45 8.52 15.07 2.70
N ASN A 46 7.69 14.43 1.86
CA ASN A 46 8.22 13.52 0.83
C ASN A 46 8.79 14.27 -0.36
N VAL A 47 8.45 15.55 -0.53
CA VAL A 47 9.04 16.37 -1.59
C VAL A 47 10.33 16.94 -1.02
N THR A 48 11.44 16.27 -1.31
CA THR A 48 12.73 16.67 -0.73
C THR A 48 13.37 17.80 -1.51
N ALA A 49 13.33 17.74 -2.84
CA ALA A 49 13.90 18.77 -3.71
C ALA A 49 12.76 19.52 -4.38
N PRO A 50 12.23 20.57 -3.76
CA PRO A 50 11.10 21.30 -4.36
C PRO A 50 11.56 22.18 -5.51
N THR A 51 10.63 22.44 -6.41
CA THR A 51 10.93 23.39 -7.47
C THR A 51 10.68 24.81 -6.97
N PRO A 52 11.46 25.78 -7.45
CA PRO A 52 11.20 27.18 -7.05
C PRO A 52 9.79 27.65 -7.38
N GLN A 53 9.14 27.03 -8.36
CA GLN A 53 7.71 27.29 -8.59
C GLN A 53 6.86 26.56 -7.56
N GLN A 54 7.23 25.32 -7.23
CA GLN A 54 6.56 24.61 -6.15
C GLN A 54 6.80 25.27 -4.81
N LEU A 55 8.01 25.81 -4.60
CA LEU A 55 8.36 26.38 -3.31
C LEU A 55 7.55 27.63 -3.00
N GLN A 56 7.29 28.46 -4.01
CA GLN A 56 6.53 29.69 -3.76
C GLN A 56 5.06 29.39 -3.51
N ALA A 57 4.50 28.36 -4.15
CA ALA A 57 3.12 27.98 -3.85
C ALA A 57 3.01 27.35 -2.47
N PHE A 58 4.05 26.64 -2.03
CA PHE A 58 4.04 26.09 -0.68
C PHE A 58 4.08 27.20 0.37
N LYS A 59 4.93 28.21 0.15
CA LYS A 59 4.96 29.35 1.05
C LYS A 59 3.63 30.09 1.07
N ASN A 60 2.96 30.15 -0.08
CA ASN A 60 1.66 30.82 -0.15
C ASN A 60 0.61 30.06 0.65
N GLU A 61 0.64 28.72 0.60
CA GLU A 61 -0.33 27.95 1.35
C GLU A 61 -0.05 27.98 2.84
N VAL A 62 1.22 28.03 3.23
CA VAL A 62 1.56 28.16 4.65
C VAL A 62 0.98 29.45 5.22
N GLY A 63 0.97 30.51 4.41
CA GLY A 63 0.39 31.77 4.86
C GLY A 63 -1.08 31.66 5.20
N VAL A 64 -1.83 30.84 4.47
CA VAL A 64 -3.25 30.66 4.77
C VAL A 64 -3.43 29.71 5.94
N LEU A 65 -2.71 28.59 5.94
CA LEU A 65 -2.73 27.68 7.08
C LEU A 65 -2.23 28.36 8.34
N ARG A 66 -1.44 29.42 8.20
CA ARG A 66 -0.93 30.12 9.38
C ARG A 66 -2.05 30.89 10.08
N LYS A 67 -2.83 31.63 9.34
CA LYS A 67 -3.84 32.40 10.00
C LYS A 67 -5.03 31.59 10.48
N THR A 68 -4.84 30.34 10.81
CA THR A 68 -5.98 29.57 11.24
C THR A 68 -5.87 29.17 12.67
N ARG A 69 -6.69 29.75 13.53
CA ARG A 69 -6.68 29.41 14.95
C ARG A 69 -8.07 29.01 15.40
N HIS A 70 -8.26 27.72 15.69
CA HIS A 70 -9.55 27.24 16.10
C HIS A 70 -9.34 26.19 17.11
N VAL A 71 -10.21 26.09 18.08
CA VAL A 71 -10.00 25.10 19.10
C VAL A 71 -9.98 23.67 18.61
N ASN A 72 -10.74 23.35 17.59
CA ASN A 72 -10.74 22.00 17.04
C ASN A 72 -9.78 21.84 15.87
N ILE A 73 -8.74 22.68 15.80
CA ILE A 73 -7.78 22.66 14.71
C ILE A 73 -6.38 22.63 15.30
N LEU A 74 -5.57 21.67 14.87
CA LEU A 74 -4.18 21.61 15.31
C LEU A 74 -3.43 22.85 14.82
N LEU A 75 -2.65 23.44 15.72
CA LEU A 75 -1.97 24.68 15.41
C LEU A 75 -0.86 24.45 14.37
N PHE A 76 -0.87 25.25 13.32
CA PHE A 76 0.15 25.21 12.28
C PHE A 76 1.23 26.23 12.64
N MET A 77 2.43 25.73 12.96
CA MET A 77 3.50 26.58 13.47
C MET A 77 4.49 27.03 12.39
N GLY A 78 4.24 26.72 11.13
CA GLY A 78 5.15 27.10 10.08
C GLY A 78 5.96 25.92 9.57
N TYR A 79 7.01 26.25 8.81
CA TYR A 79 7.80 25.23 8.15
C TYR A 79 9.29 25.47 8.34
N SER A 80 10.11 24.66 7.66
CA SER A 80 11.55 24.83 7.63
C SER A 80 12.09 24.21 6.36
N THR A 81 13.23 24.71 5.90
CA THR A 81 13.83 24.24 4.65
C THR A 81 15.32 24.00 4.79
N LYS A 82 15.84 23.90 6.00
CA LYS A 82 17.28 23.88 6.19
C LYS A 82 17.87 22.51 5.90
N PRO A 83 17.58 21.44 6.69
CA PRO A 83 18.12 20.13 6.31
C PRO A 83 17.35 19.59 5.11
N GLN A 84 16.04 19.55 5.25
CA GLN A 84 15.13 19.28 4.14
C GLN A 84 13.81 19.99 4.44
N LEU A 85 12.97 20.11 3.41
CA LEU A 85 11.69 20.76 3.58
C LEU A 85 10.82 19.96 4.54
N ALA A 86 10.25 20.66 5.53
CA ALA A 86 9.49 19.99 6.58
C ALA A 86 8.33 20.88 7.01
N ILE A 87 7.56 20.37 7.98
CA ILE A 87 6.38 21.07 8.52
C ILE A 87 6.42 20.92 10.03
N VAL A 88 6.20 22.02 10.74
CA VAL A 88 6.18 22.03 12.20
C VAL A 88 4.77 22.40 12.65
N THR A 89 4.12 21.48 13.37
CA THR A 89 2.80 21.70 13.92
C THR A 89 2.82 21.33 15.40
N GLN A 90 1.68 21.57 16.06
CA GLN A 90 1.61 21.33 17.50
C GLN A 90 1.61 19.84 17.81
N TRP A 91 2.39 19.46 18.81
CA TRP A 91 2.38 18.09 19.31
C TRP A 91 1.24 17.93 20.30
N CYS A 92 0.43 16.90 20.10
CA CYS A 92 -0.71 16.62 20.96
C CYS A 92 -0.52 15.27 21.65
N GLU A 93 -0.86 15.22 22.93
CA GLU A 93 -0.76 14.00 23.70
C GLU A 93 -1.92 13.06 23.36
N GLY A 94 -1.93 11.89 23.99
CA GLY A 94 -2.96 10.91 23.73
C GLY A 94 -2.85 10.32 22.33
N SER A 95 -3.83 9.48 22.02
CA SER A 95 -3.86 8.78 20.74
C SER A 95 -4.83 9.45 19.78
N SER A 96 -4.65 9.16 18.50
CA SER A 96 -5.57 9.63 17.49
C SER A 96 -6.89 8.89 17.59
N LEU A 97 -7.89 9.37 16.85
CA LEU A 97 -9.19 8.70 16.86
C LEU A 97 -9.10 7.31 16.26
N TYR A 98 -8.19 7.11 15.31
CA TYR A 98 -8.01 5.78 14.73
C TYR A 98 -7.50 4.80 15.78
N HIS A 99 -6.56 5.23 16.62
CA HIS A 99 -6.06 4.34 17.67
C HIS A 99 -7.15 3.99 18.67
N HIS A 100 -7.99 4.97 19.02
CA HIS A 100 -9.04 4.72 19.99
C HIS A 100 -10.07 3.72 19.47
N LEU A 101 -10.50 3.88 18.22
CA LEU A 101 -11.60 3.06 17.71
C LEU A 101 -11.12 1.68 17.28
N HIS A 102 -9.91 1.59 16.72
CA HIS A 102 -9.49 0.38 16.03
C HIS A 102 -8.27 -0.30 16.62
N ILE A 103 -7.58 0.32 17.59
CA ILE A 103 -6.41 -0.31 18.19
C ILE A 103 -6.64 -0.49 19.69
N ILE A 104 -6.84 0.62 20.40
CA ILE A 104 -7.08 0.53 21.83
C ILE A 104 -8.47 -0.02 22.11
N GLU A 105 -9.41 0.17 21.18
CA GLU A 105 -10.82 -0.21 21.36
C GLU A 105 -11.41 0.46 22.60
N THR A 106 -11.20 1.77 22.71
CA THR A 106 -11.78 2.54 23.80
C THR A 106 -13.30 2.50 23.74
N LYS A 107 -13.93 2.34 24.89
CA LYS A 107 -15.38 2.18 24.98
C LYS A 107 -15.99 3.48 25.48
N PHE A 108 -16.37 4.35 24.54
CA PHE A 108 -17.05 5.58 24.88
C PHE A 108 -18.55 5.34 25.02
N GLU A 109 -19.21 6.24 25.74
CA GLU A 109 -20.66 6.28 25.72
C GLU A 109 -21.16 6.84 24.40
N MET A 110 -22.45 6.63 24.13
CA MET A 110 -23.03 7.19 22.92
C MET A 110 -23.02 8.71 22.94
N ILE A 111 -23.11 9.31 24.13
CA ILE A 111 -23.03 10.76 24.24
C ILE A 111 -21.65 11.25 23.84
N LYS A 112 -20.59 10.57 24.29
CA LYS A 112 -19.24 10.96 23.96
C LYS A 112 -18.94 10.77 22.47
N LEU A 113 -19.50 9.72 21.87
CA LEU A 113 -19.31 9.50 20.44
C LEU A 113 -19.93 10.63 19.63
N ILE A 114 -21.16 11.02 19.97
CA ILE A 114 -21.81 12.13 19.27
C ILE A 114 -21.04 13.43 19.49
N ASP A 115 -20.48 13.61 20.69
CA ASP A 115 -19.72 14.81 20.97
C ASP A 115 -18.46 14.88 20.10
N ILE A 116 -17.83 13.74 19.84
CA ILE A 116 -16.67 13.71 18.95
C ILE A 116 -17.08 14.11 17.54
N ALA A 117 -18.25 13.65 17.09
CA ALA A 117 -18.75 14.03 15.77
C ALA A 117 -19.10 15.51 15.72
N ARG A 118 -19.52 16.10 16.84
CA ARG A 118 -19.87 17.51 16.85
C ARG A 118 -18.63 18.39 16.70
N GLN A 119 -17.60 18.14 17.53
CA GLN A 119 -16.40 18.95 17.47
C GLN A 119 -15.66 18.78 16.15
N THR A 120 -15.74 17.60 15.54
CA THR A 120 -15.10 17.39 14.25
C THR A 120 -15.78 18.22 13.17
N ALA A 121 -17.11 18.17 13.10
CA ALA A 121 -17.83 19.03 12.17
C ALA A 121 -17.64 20.49 12.50
N GLN A 122 -17.47 20.82 13.78
CA GLN A 122 -17.24 22.20 14.18
C GLN A 122 -15.91 22.71 13.62
N GLY A 123 -14.86 21.92 13.75
CA GLY A 123 -13.58 22.32 13.18
C GLY A 123 -13.59 22.32 11.67
N MET A 124 -14.25 21.33 11.07
CA MET A 124 -14.37 21.29 9.61
C MET A 124 -15.18 22.48 9.11
N ASP A 125 -16.19 22.90 9.86
CA ASP A 125 -16.97 24.07 9.47
C ASP A 125 -16.12 25.34 9.50
N TYR A 126 -15.14 25.41 10.40
CA TYR A 126 -14.22 26.54 10.41
C TYR A 126 -13.29 26.51 9.20
N LEU A 127 -12.83 25.33 8.81
CA LEU A 127 -11.93 25.22 7.67
C LEU A 127 -12.63 25.62 6.38
N HIS A 128 -13.89 25.20 6.21
CA HIS A 128 -14.63 25.57 5.01
C HIS A 128 -15.06 27.03 5.05
N ALA A 129 -15.32 27.57 6.25
CA ALA A 129 -15.63 28.99 6.36
C ALA A 129 -14.45 29.84 5.91
N LYS A 130 -13.23 29.36 6.09
CA LYS A 130 -12.04 30.01 5.56
C LYS A 130 -11.62 29.43 4.23
N SER A 131 -12.50 28.67 3.57
CA SER A 131 -12.28 28.16 2.21
C SER A 131 -11.00 27.33 2.13
N ILE A 132 -10.89 26.36 3.04
CA ILE A 132 -9.77 25.42 3.06
C ILE A 132 -10.34 24.02 2.93
N ILE A 133 -9.90 23.30 1.91
CA ILE A 133 -10.31 21.91 1.71
C ILE A 133 -9.28 21.02 2.40
N HIS A 134 -9.76 20.16 3.31
CA HIS A 134 -8.86 19.32 4.08
C HIS A 134 -8.10 18.35 3.17
N ARG A 135 -8.82 17.66 2.28
CA ARG A 135 -8.31 16.71 1.30
C ARG A 135 -7.80 15.42 1.92
N ASP A 136 -7.81 15.28 3.24
CA ASP A 136 -7.27 14.09 3.88
C ASP A 136 -7.92 13.82 5.23
N LEU A 137 -9.22 14.08 5.33
CA LEU A 137 -9.93 13.89 6.60
C LEU A 137 -10.12 12.40 6.88
N LYS A 138 -9.62 11.95 8.03
CA LYS A 138 -9.80 10.58 8.48
C LYS A 138 -9.56 10.55 9.98
N SER A 139 -9.90 9.42 10.60
CA SER A 139 -9.69 9.27 12.03
C SER A 139 -8.22 9.28 12.41
N ASN A 140 -7.32 9.03 11.45
CA ASN A 140 -5.90 9.14 11.73
C ASN A 140 -5.48 10.58 11.94
N ASN A 141 -6.16 11.53 11.29
CA ASN A 141 -5.86 12.95 11.41
C ASN A 141 -6.79 13.66 12.38
N ILE A 142 -7.33 12.92 13.35
CA ILE A 142 -8.21 13.48 14.37
C ILE A 142 -7.69 12.99 15.71
N PHE A 143 -7.21 13.92 16.54
CA PHE A 143 -6.61 13.59 17.83
C PHE A 143 -7.54 14.02 18.95
N LEU A 144 -7.53 13.24 20.03
CA LEU A 144 -8.34 13.51 21.21
C LEU A 144 -7.44 14.10 22.28
N HIS A 145 -7.30 15.43 22.26
CA HIS A 145 -6.42 16.12 23.19
C HIS A 145 -6.92 15.95 24.62
N GLU A 146 -6.11 15.29 25.45
CA GLU A 146 -6.44 15.05 26.86
C GLU A 146 -7.78 14.34 27.02
N ASP A 147 -8.15 13.55 26.00
CA ASP A 147 -9.39 12.77 25.99
C ASP A 147 -10.63 13.65 26.11
N LEU A 148 -10.52 14.91 25.68
CA LEU A 148 -11.66 15.82 25.74
C LEU A 148 -11.90 16.50 24.40
N THR A 149 -11.06 17.46 24.06
CA THR A 149 -11.26 18.26 22.86
C THR A 149 -10.72 17.53 21.63
N VAL A 150 -11.44 17.67 20.51
CA VAL A 150 -11.04 17.12 19.23
C VAL A 150 -10.13 18.12 18.54
N LYS A 151 -9.09 17.61 17.87
CA LYS A 151 -8.16 18.45 17.13
C LYS A 151 -7.90 17.82 15.77
N ILE A 152 -8.20 18.55 14.70
CA ILE A 152 -8.02 18.09 13.33
C ILE A 152 -6.67 18.60 12.84
N GLY A 153 -5.91 17.71 12.20
CA GLY A 153 -4.62 18.06 11.63
C GLY A 153 -4.49 17.58 10.20
N ASP A 154 -3.30 17.82 9.65
CA ASP A 154 -2.94 17.40 8.28
C ASP A 154 -3.91 17.95 7.24
N PHE A 155 -4.48 19.12 7.49
CA PHE A 155 -5.43 19.73 6.59
C PHE A 155 -4.72 20.57 5.53
N GLY A 156 -5.41 20.75 4.40
CA GLY A 156 -4.85 21.55 3.32
C GLY A 156 -3.61 20.91 2.72
N LEU A 157 -2.60 21.75 2.46
CA LEU A 157 -1.30 21.30 1.95
C LEU A 157 -1.44 20.58 0.61
N ALA A 158 -2.23 21.15 -0.29
CA ALA A 158 -2.44 20.55 -1.59
C ALA A 158 -1.21 20.61 -2.48
N THR A 159 -0.25 21.49 -2.17
CA THR A 159 0.92 21.67 -3.01
C THR A 159 2.05 20.71 -2.67
N VAL A 160 2.19 20.32 -1.40
CA VAL A 160 3.20 19.33 -1.04
C VAL A 160 2.72 17.91 -1.27
N LYS A 161 1.43 17.71 -1.45
CA LYS A 161 0.91 16.47 -1.99
C LYS A 161 0.84 16.56 -3.51
N SER A 162 1.07 15.43 -4.17
CA SER A 162 1.09 15.36 -5.64
C SER A 162 2.28 16.12 -6.23
N ARG A 163 3.37 15.40 -6.47
CA ARG A 163 4.62 15.95 -6.96
C ARG A 163 4.40 16.80 -8.22
N TRP A 164 5.31 17.74 -8.45
CA TRP A 164 5.19 18.65 -9.58
C TRP A 164 6.02 18.17 -10.77
N SER A 165 5.61 18.64 -11.95
CA SER A 165 6.36 18.44 -13.19
C SER A 165 7.48 19.46 -13.29
N GLY A 166 7.10 20.71 -13.58
CA GLY A 166 7.97 21.85 -13.48
C GLY A 166 7.13 23.05 -13.13
N SER A 167 5.84 22.96 -13.48
CA SER A 167 4.90 24.05 -13.15
C SER A 167 3.46 23.59 -13.23
N HIS A 168 3.17 22.29 -13.20
CA HIS A 168 1.82 21.78 -13.41
C HIS A 168 1.47 20.81 -12.28
N GLN A 169 1.19 21.36 -11.09
CA GLN A 169 0.75 20.47 -10.02
C GLN A 169 -0.60 19.87 -10.40
N PHE A 170 -0.57 18.72 -11.06
CA PHE A 170 -1.80 17.98 -11.28
C PHE A 170 -2.15 17.29 -9.97
N GLU A 171 -3.33 17.59 -9.44
CA GLU A 171 -3.80 16.90 -8.25
C GLU A 171 -3.69 15.41 -8.50
N GLN A 172 -2.79 14.76 -7.77
CA GLN A 172 -2.56 13.33 -7.88
C GLN A 172 -3.13 12.63 -6.64
N LEU A 173 -3.47 11.36 -6.81
CA LEU A 173 -4.25 10.63 -5.82
C LEU A 173 -3.32 9.93 -4.83
N SER A 174 -3.24 10.47 -3.63
CA SER A 174 -2.57 9.80 -2.51
C SER A 174 -3.39 10.04 -1.25
N GLY A 175 -3.19 9.16 -0.27
CA GLY A 175 -3.95 9.14 0.96
C GLY A 175 -4.52 7.76 1.19
N SER A 176 -5.46 7.66 2.12
CA SER A 176 -6.11 6.41 2.42
C SER A 176 -7.40 6.30 1.61
N ILE A 177 -7.59 5.15 0.96
CA ILE A 177 -8.70 5.00 0.02
C ILE A 177 -10.04 4.84 0.70
N LEU A 178 -10.08 4.44 1.98
CA LEU A 178 -11.34 4.21 2.66
C LEU A 178 -12.15 5.49 2.84
N TRP A 179 -11.50 6.65 2.86
CA TRP A 179 -12.16 7.92 3.08
C TRP A 179 -12.30 8.76 1.82
N MET A 180 -11.77 8.28 0.69
CA MET A 180 -11.84 9.05 -0.54
C MET A 180 -13.22 8.95 -1.18
N ALA A 181 -13.74 10.08 -1.62
CA ALA A 181 -15.02 10.11 -2.31
C ALA A 181 -14.88 9.46 -3.68
N PRO A 182 -15.98 8.94 -4.24
CA PRO A 182 -15.91 8.32 -5.57
C PRO A 182 -15.37 9.26 -6.64
N GLU A 183 -15.82 10.52 -6.64
CA GLU A 183 -15.29 11.47 -7.62
C GLU A 183 -13.81 11.73 -7.39
N VAL A 184 -13.34 11.60 -6.14
CA VAL A 184 -11.91 11.72 -5.86
C VAL A 184 -11.18 10.50 -6.40
N ILE A 185 -11.77 9.32 -6.22
CA ILE A 185 -11.14 8.08 -6.69
C ILE A 185 -10.84 8.15 -8.18
N ARG A 186 -11.81 8.63 -8.96
CA ARG A 186 -11.66 8.62 -10.41
C ARG A 186 -10.63 9.64 -10.90
N MET A 187 -10.48 10.75 -10.18
CA MET A 187 -9.58 11.84 -10.59
C MET A 187 -9.91 12.30 -12.01
N GLN A 188 -11.16 12.23 -12.38
CA GLN A 188 -11.47 12.65 -13.71
C GLN A 188 -12.38 13.80 -13.58
N ASP A 189 -11.75 14.92 -13.27
CA ASP A 189 -12.37 16.19 -13.07
C ASP A 189 -11.32 17.25 -12.92
N LYS A 190 -10.15 16.84 -12.45
CA LYS A 190 -8.99 17.70 -12.17
C LYS A 190 -9.17 18.81 -11.11
N ASN A 191 -10.17 18.64 -10.25
CA ASN A 191 -10.55 19.50 -9.15
C ASN A 191 -11.67 18.74 -8.50
N PRO A 192 -11.40 17.47 -8.23
CA PRO A 192 -12.35 16.57 -7.62
C PRO A 192 -12.44 16.81 -6.16
N TYR A 193 -11.38 17.34 -5.58
CA TYR A 193 -11.34 17.62 -4.19
C TYR A 193 -12.20 18.80 -4.04
N SER A 194 -13.17 18.72 -3.17
CA SER A 194 -14.11 19.82 -2.97
C SER A 194 -14.60 19.78 -1.53
N PHE A 195 -15.54 20.68 -1.22
CA PHE A 195 -16.15 20.67 0.11
C PHE A 195 -16.90 19.37 0.35
N GLN A 196 -17.56 18.84 -0.69
CA GLN A 196 -18.32 17.61 -0.56
C GLN A 196 -17.43 16.37 -0.51
N SER A 197 -16.20 16.47 -1.03
CA SER A 197 -15.26 15.36 -0.86
C SER A 197 -14.81 15.25 0.59
N ASP A 198 -14.67 16.37 1.28
CA ASP A 198 -14.39 16.33 2.71
C ASP A 198 -15.61 15.88 3.50
N VAL A 199 -16.81 16.26 3.03
CA VAL A 199 -18.03 15.82 3.69
C VAL A 199 -18.17 14.31 3.60
N TYR A 200 -17.84 13.74 2.44
CA TYR A 200 -17.87 12.29 2.29
C TYR A 200 -16.91 11.63 3.27
N ALA A 201 -15.67 12.14 3.33
CA ALA A 201 -14.71 11.61 4.29
C ALA A 201 -15.23 11.71 5.71
N PHE A 202 -15.91 12.83 6.02
CA PHE A 202 -16.56 12.95 7.32
C PHE A 202 -17.63 11.88 7.50
N GLY A 203 -18.31 11.49 6.42
CA GLY A 203 -19.31 10.43 6.53
C GLY A 203 -18.69 9.08 6.86
N ILE A 204 -17.51 8.81 6.30
CA ILE A 204 -16.80 7.57 6.64
C ILE A 204 -16.36 7.60 8.09
N VAL A 205 -15.96 8.77 8.59
CA VAL A 205 -15.60 8.90 10.00
C VAL A 205 -16.81 8.64 10.88
N LEU A 206 -18.00 9.08 10.44
CA LEU A 206 -19.22 8.74 11.16
C LEU A 206 -19.45 7.23 11.16
N TYR A 207 -19.15 6.57 10.04
CA TYR A 207 -19.26 5.12 10.00
C TYR A 207 -18.34 4.45 11.02
N GLU A 208 -17.15 5.03 11.23
CA GLU A 208 -16.24 4.51 12.24
C GLU A 208 -16.85 4.61 13.63
N LEU A 209 -17.39 5.79 13.97
CA LEU A 209 -17.93 6.00 15.31
C LEU A 209 -19.14 5.12 15.57
N MET A 210 -20.05 5.02 14.60
CA MET A 210 -21.33 4.36 14.83
C MET A 210 -21.28 2.85 14.68
N THR A 211 -20.22 2.31 14.07
CA THR A 211 -20.09 0.87 13.90
C THR A 211 -18.90 0.25 14.62
N GLY A 212 -17.90 1.05 15.00
CA GLY A 212 -16.70 0.48 15.58
C GLY A 212 -15.82 -0.26 14.62
N GLN A 213 -16.14 -0.25 13.33
CA GLN A 213 -15.37 -0.93 12.30
C GLN A 213 -14.96 0.06 11.22
N LEU A 214 -14.00 -0.38 10.40
CA LEU A 214 -13.69 0.35 9.18
C LEU A 214 -14.62 -0.12 8.06
N PRO A 215 -14.89 0.74 7.07
CA PRO A 215 -15.76 0.32 5.97
C PRO A 215 -15.15 -0.81 5.16
N TYR A 216 -16.03 -1.55 4.48
CA TYR A 216 -15.64 -2.67 3.63
C TYR A 216 -14.80 -3.68 4.41
N SER A 217 -15.34 -4.12 5.54
CA SER A 217 -14.63 -5.09 6.39
C SER A 217 -14.55 -6.47 5.75
N ASN A 218 -15.44 -6.78 4.81
CA ASN A 218 -15.43 -8.07 4.13
C ASN A 218 -14.66 -8.05 2.82
N ILE A 219 -14.04 -6.93 2.47
CA ILE A 219 -13.23 -6.81 1.26
C ILE A 219 -11.78 -6.62 1.69
N ASN A 220 -10.91 -7.53 1.30
CA ASN A 220 -9.50 -7.51 1.66
C ASN A 220 -8.61 -7.36 0.43
N ASN A 221 -9.09 -6.59 -0.55
CA ASN A 221 -8.34 -6.31 -1.77
C ASN A 221 -8.33 -4.80 -1.98
N ARG A 222 -7.13 -4.22 -2.00
CA ARG A 222 -7.02 -2.77 -2.13
C ARG A 222 -7.58 -2.28 -3.46
N ASP A 223 -7.09 -2.85 -4.57
CA ASP A 223 -7.50 -2.40 -5.89
C ASP A 223 -8.96 -2.72 -6.18
N GLN A 224 -9.53 -3.74 -5.54
CA GLN A 224 -10.96 -4.01 -5.70
C GLN A 224 -11.79 -2.88 -5.11
N ILE A 225 -11.35 -2.33 -3.98
CA ILE A 225 -12.07 -1.21 -3.38
C ILE A 225 -11.92 0.04 -4.25
N ILE A 226 -10.71 0.28 -4.78
CA ILE A 226 -10.47 1.46 -5.60
C ILE A 226 -11.38 1.43 -6.84
N PHE A 227 -11.51 0.27 -7.47
CA PHE A 227 -12.28 0.18 -8.70
C PHE A 227 -13.77 0.25 -8.42
N MET A 228 -14.26 -0.57 -7.48
CA MET A 228 -15.71 -0.67 -7.26
C MET A 228 -16.28 0.59 -6.62
N VAL A 229 -15.51 1.27 -5.77
CA VAL A 229 -16.01 2.52 -5.18
C VAL A 229 -16.00 3.62 -6.22
N GLY A 230 -14.96 3.70 -7.05
CA GLY A 230 -14.93 4.66 -8.14
C GLY A 230 -15.97 4.41 -9.20
N ARG A 231 -16.44 3.17 -9.33
CA ARG A 231 -17.47 2.80 -10.28
C ARG A 231 -18.88 2.88 -9.70
N GLY A 232 -19.01 3.20 -8.41
CA GLY A 232 -20.30 3.22 -7.77
C GLY A 232 -20.88 1.86 -7.45
N TYR A 233 -20.12 0.78 -7.65
CA TYR A 233 -20.63 -0.55 -7.33
C TYR A 233 -20.55 -0.85 -5.83
N LEU A 234 -19.60 -0.24 -5.13
CA LEU A 234 -19.36 -0.53 -3.72
C LEU A 234 -19.71 0.68 -2.87
N SER A 235 -20.30 0.43 -1.71
CA SER A 235 -20.72 1.46 -0.78
C SER A 235 -20.61 0.88 0.63
N PRO A 236 -20.32 1.70 1.63
CA PRO A 236 -20.23 1.20 3.01
C PRO A 236 -21.54 0.56 3.45
N ASP A 237 -21.43 -0.65 4.00
CA ASP A 237 -22.59 -1.41 4.48
C ASP A 237 -23.14 -0.73 5.73
N LEU A 238 -24.22 0.04 5.56
CA LEU A 238 -24.82 0.75 6.69
C LEU A 238 -25.55 -0.17 7.66
N SER A 239 -25.63 -1.48 7.37
CA SER A 239 -26.26 -2.39 8.30
C SER A 239 -25.46 -2.53 9.59
N LYS A 240 -24.15 -2.28 9.52
CA LYS A 240 -23.26 -2.49 10.66
C LYS A 240 -23.41 -1.42 11.75
N VAL A 241 -24.27 -0.43 11.56
CA VAL A 241 -24.50 0.56 12.61
C VAL A 241 -25.10 -0.13 13.82
N ARG A 242 -24.52 0.12 14.99
CA ARG A 242 -24.92 -0.59 16.19
C ARG A 242 -26.33 -0.17 16.62
N SER A 243 -26.93 -1.03 17.45
CA SER A 243 -28.36 -0.90 17.75
C SER A 243 -28.67 0.39 18.51
N ASN A 244 -27.75 0.85 19.37
CA ASN A 244 -28.02 2.01 20.21
C ASN A 244 -27.76 3.35 19.51
N CYS A 245 -27.64 3.36 18.20
CA CYS A 245 -27.34 4.67 17.63
C CYS A 245 -28.61 5.38 17.20
N PRO A 246 -28.64 6.70 17.34
CA PRO A 246 -29.85 7.46 16.99
C PRO A 246 -30.21 7.34 15.51
N LYS A 247 -31.51 7.27 15.24
CA LYS A 247 -31.98 7.21 13.86
C LYS A 247 -31.63 8.49 13.10
N ALA A 248 -31.74 9.64 13.77
CA ALA A 248 -31.39 10.90 13.15
C ALA A 248 -29.90 10.97 12.81
N MET A 249 -29.08 10.19 13.50
CA MET A 249 -27.65 10.14 13.19
C MET A 249 -27.38 9.26 11.99
N LYS A 250 -28.05 8.11 11.90
CA LYS A 250 -27.83 7.20 10.79
C LYS A 250 -28.26 7.81 9.46
N ARG A 251 -29.28 8.66 9.48
CA ARG A 251 -29.70 9.32 8.23
C ARG A 251 -28.71 10.40 7.82
N LEU A 252 -28.13 11.10 8.79
CA LEU A 252 -27.12 12.11 8.47
C LEU A 252 -25.89 11.47 7.85
N MET A 253 -25.50 10.29 8.35
CA MET A 253 -24.35 9.59 7.79
C MET A 253 -24.59 9.24 6.32
N ALA A 254 -25.81 8.80 5.98
CA ALA A 254 -26.09 8.39 4.62
C ALA A 254 -26.13 9.57 3.66
N GLU A 255 -26.42 10.77 4.15
CA GLU A 255 -26.43 11.94 3.29
C GLU A 255 -25.02 12.36 2.89
N CYS A 256 -24.04 12.16 3.78
CA CYS A 256 -22.67 12.50 3.46
C CYS A 256 -22.03 11.48 2.52
N LEU A 257 -22.57 10.27 2.46
CA LEU A 257 -21.98 9.20 1.67
C LEU A 257 -22.65 9.05 0.31
N LYS A 258 -23.37 10.06 -0.16
CA LYS A 258 -24.01 9.98 -1.47
C LYS A 258 -22.97 9.85 -2.57
N LYS A 259 -23.27 9.02 -3.57
CA LYS A 259 -22.30 8.73 -4.61
C LYS A 259 -22.02 9.97 -5.46
N LYS A 260 -23.06 10.73 -5.81
CA LYS A 260 -22.89 11.99 -6.52
C LYS A 260 -22.66 13.11 -5.51
N ARG A 261 -21.64 13.94 -5.78
CA ARG A 261 -21.19 14.86 -4.75
C ARG A 261 -22.16 16.01 -4.52
N ASP A 262 -22.93 16.39 -5.55
CA ASP A 262 -23.84 17.53 -5.39
C ASP A 262 -25.00 17.24 -4.44
N GLU A 263 -25.24 15.97 -4.13
CA GLU A 263 -26.29 15.61 -3.19
C GLU A 263 -25.83 15.68 -1.73
N ARG A 264 -24.52 15.78 -1.48
CA ARG A 264 -24.02 15.78 -0.12
C ARG A 264 -24.24 17.15 0.53
N PRO A 265 -24.70 17.19 1.78
CA PRO A 265 -24.87 18.47 2.46
C PRO A 265 -23.53 19.07 2.86
N LEU A 266 -23.55 20.37 3.11
CA LEU A 266 -22.37 21.07 3.57
C LEU A 266 -22.37 21.15 5.10
N PHE A 267 -21.21 21.54 5.65
CA PHE A 267 -20.99 21.46 7.08
C PHE A 267 -21.85 22.41 7.91
N PRO A 268 -22.21 23.61 7.42
CA PRO A 268 -23.22 24.40 8.14
C PRO A 268 -24.50 23.64 8.41
N GLN A 269 -24.91 22.78 7.48
CA GLN A 269 -26.10 21.97 7.69
C GLN A 269 -25.80 20.73 8.53
N ILE A 270 -24.60 20.15 8.35
CA ILE A 270 -24.23 18.95 9.09
C ILE A 270 -24.11 19.24 10.59
N LEU A 271 -23.38 20.31 10.92
CA LEU A 271 -23.20 20.66 12.33
C LEU A 271 -24.53 20.98 12.99
N ALA A 272 -25.44 21.64 12.26
CA ALA A 272 -26.75 21.94 12.81
C ALA A 272 -27.53 20.66 13.10
N SER A 273 -27.39 19.66 12.22
CA SER A 273 -28.03 18.36 12.46
C SER A 273 -27.53 17.74 13.76
N ILE A 274 -26.21 17.67 13.92
CA ILE A 274 -25.62 16.96 15.06
C ILE A 274 -26.07 17.59 16.37
N GLU A 275 -26.01 18.91 16.45
CA GLU A 275 -26.41 19.59 17.69
C GLU A 275 -27.89 19.42 17.98
N LEU A 276 -28.71 19.19 16.96
CA LEU A 276 -30.14 18.98 17.18
C LEU A 276 -30.39 17.66 17.90
N LEU A 277 -29.85 16.55 17.39
CA LEU A 277 -29.95 15.30 18.11
C LEU A 277 -29.05 15.23 19.33
N ALA A 278 -28.10 16.16 19.46
CA ALA A 278 -27.29 16.21 20.67
C ALA A 278 -28.15 16.60 21.87
N ARG A 279 -29.03 17.58 21.69
CA ARG A 279 -29.94 18.01 22.75
C ARG A 279 -30.99 16.94 23.02
N SER A 280 -31.95 16.81 22.11
CA SER A 280 -32.97 15.77 22.20
C SER A 280 -32.33 14.39 22.22
N LEU A 281 -32.22 13.78 23.40
CA LEU A 281 -31.51 12.52 23.51
C LEU A 281 -32.11 11.64 24.61
N LEU B 46 12.28 -33.32 -8.33
CA LEU B 46 13.22 -32.97 -7.28
C LEU B 46 14.57 -33.66 -7.50
N ASP B 47 15.49 -32.97 -8.15
CA ASP B 47 16.76 -33.56 -8.53
C ASP B 47 17.70 -33.59 -7.32
N GLU B 48 18.95 -33.99 -7.56
CA GLU B 48 19.90 -34.18 -6.48
C GLU B 48 20.46 -32.86 -5.96
N GLN B 49 20.73 -31.91 -6.86
CA GLN B 49 21.25 -30.62 -6.43
C GLN B 49 20.21 -29.82 -5.66
N GLN B 50 18.93 -30.06 -5.93
CA GLN B 50 17.87 -29.37 -5.19
C GLN B 50 17.63 -30.03 -3.83
N ARG B 51 17.64 -31.36 -3.79
CA ARG B 51 17.50 -32.05 -2.51
C ARG B 51 18.69 -31.76 -1.60
N LYS B 52 19.87 -31.54 -2.18
CA LYS B 52 21.02 -31.12 -1.39
C LYS B 52 20.78 -29.75 -0.77
N ARG B 53 20.32 -28.79 -1.56
CA ARG B 53 20.14 -27.43 -1.06
C ARG B 53 18.98 -27.33 -0.09
N LEU B 54 17.90 -28.08 -0.35
CA LEU B 54 16.76 -28.07 0.56
C LEU B 54 17.15 -28.60 1.93
N GLU B 55 17.80 -29.76 1.96
CA GLU B 55 18.23 -30.33 3.23
C GLU B 55 19.27 -29.45 3.92
N ALA B 56 20.08 -28.72 3.15
CA ALA B 56 21.07 -27.84 3.74
C ALA B 56 20.42 -26.63 4.41
N PHE B 57 19.23 -26.23 3.95
CA PHE B 57 18.54 -25.11 4.57
C PHE B 57 17.94 -25.50 5.92
N LEU B 58 17.38 -26.72 6.00
CA LEU B 58 16.83 -27.19 7.27
C LEU B 58 17.92 -27.33 8.33
N THR B 59 19.16 -27.59 7.91
CA THR B 59 20.25 -27.74 8.86
C THR B 59 20.60 -26.39 9.49
N GLN B 60 20.83 -25.37 8.67
CA GLN B 60 21.09 -24.03 9.20
C GLN B 60 19.89 -23.47 9.94
N LYS B 61 18.69 -23.91 9.57
CA LYS B 61 17.48 -23.44 10.24
C LYS B 61 17.41 -23.97 11.66
N GLN B 62 17.87 -25.19 11.88
CA GLN B 62 17.88 -25.75 13.24
C GLN B 62 18.82 -24.97 14.15
N LYS B 63 19.90 -24.41 13.61
CA LYS B 63 20.82 -23.61 14.40
C LYS B 63 20.19 -22.31 14.90
N VAL B 64 18.99 -21.97 14.43
CA VAL B 64 18.29 -20.77 14.85
C VAL B 64 17.14 -21.19 15.76
N GLY B 65 17.13 -20.67 16.98
CA GLY B 65 16.07 -20.97 17.91
C GLY B 65 15.05 -19.84 17.99
N GLU B 66 14.82 -19.32 19.19
CA GLU B 66 13.94 -18.17 19.34
C GLU B 66 14.58 -16.92 18.74
N LEU B 67 13.79 -16.17 17.99
CA LEU B 67 14.28 -14.97 17.30
C LEU B 67 13.95 -13.75 18.16
N LYS B 68 14.98 -13.11 18.71
CA LYS B 68 14.85 -11.88 19.46
C LYS B 68 15.45 -10.73 18.66
N ASP B 69 14.98 -9.51 18.94
CA ASP B 69 15.47 -8.35 18.22
C ASP B 69 16.92 -8.04 18.56
N ASP B 70 17.35 -8.37 19.78
CA ASP B 70 18.73 -8.09 20.20
C ASP B 70 19.74 -9.01 19.53
N ASP B 71 19.28 -10.13 18.96
CA ASP B 71 20.17 -11.09 18.33
C ASP B 71 20.60 -10.71 16.92
N PHE B 72 20.18 -9.55 16.42
CA PHE B 72 20.44 -9.14 15.05
C PHE B 72 21.38 -7.95 15.01
N GLU B 73 22.23 -7.92 13.99
CA GLU B 73 23.07 -6.78 13.68
C GLU B 73 22.77 -6.33 12.26
N LYS B 74 22.43 -5.05 12.10
CA LYS B 74 22.04 -4.53 10.80
C LYS B 74 23.27 -4.36 9.92
N ILE B 75 23.23 -4.94 8.72
CA ILE B 75 24.32 -4.85 7.78
C ILE B 75 24.04 -3.75 6.77
N SER B 76 22.97 -3.90 6.00
CA SER B 76 22.64 -2.93 4.96
C SER B 76 21.17 -3.06 4.58
N GLU B 77 20.65 -1.98 4.01
CA GLU B 77 19.28 -1.96 3.52
C GLU B 77 19.22 -2.59 2.13
N LEU B 78 18.13 -3.30 1.85
CA LEU B 78 17.95 -4.00 0.59
C LEU B 78 16.91 -3.34 -0.31
N GLY B 79 15.74 -3.01 0.24
CA GLY B 79 14.69 -2.38 -0.52
C GLY B 79 13.61 -1.88 0.41
N ALA B 80 12.73 -1.05 -0.14
CA ALA B 80 11.66 -0.45 0.67
C ALA B 80 10.47 -0.16 -0.25
N GLY B 81 9.49 -1.06 -0.24
CA GLY B 81 8.21 -0.81 -0.86
C GLY B 81 7.27 -0.13 0.09
N ASN B 82 5.98 -0.19 -0.23
CA ASN B 82 4.96 0.31 0.68
C ASN B 82 4.36 -0.79 1.55
N GLY B 83 4.88 -2.01 1.46
CA GLY B 83 4.56 -3.04 2.43
C GLY B 83 5.38 -2.84 3.68
N GLY B 84 6.68 -2.74 3.51
CA GLY B 84 7.58 -2.47 4.62
C GLY B 84 8.95 -2.09 4.10
N VAL B 85 9.97 -2.40 4.89
CA VAL B 85 11.36 -2.18 4.51
C VAL B 85 12.16 -3.41 4.89
N VAL B 86 13.11 -3.80 4.05
CA VAL B 86 13.87 -5.03 4.21
C VAL B 86 15.33 -4.69 4.46
N PHE B 87 15.92 -5.37 5.44
CA PHE B 87 17.33 -5.20 5.77
C PHE B 87 18.06 -6.52 5.66
N LYS B 88 19.33 -6.45 5.28
CA LYS B 88 20.25 -7.57 5.38
C LYS B 88 20.84 -7.57 6.78
N VAL B 89 20.61 -8.66 7.53
CA VAL B 89 21.02 -8.73 8.92
C VAL B 89 21.80 -10.01 9.16
N SER B 90 22.57 -10.00 10.25
CA SER B 90 23.31 -11.16 10.71
C SER B 90 22.76 -11.62 12.06
N HIS B 91 22.37 -12.88 12.14
CA HIS B 91 21.86 -13.45 13.38
C HIS B 91 23.05 -13.87 14.23
N LYS B 92 23.36 -13.05 15.24
CA LYS B 92 24.56 -13.28 16.04
C LYS B 92 24.62 -14.65 16.72
N PRO B 93 23.55 -15.20 17.29
CA PRO B 93 23.65 -16.53 17.90
C PRO B 93 24.01 -17.63 16.91
N SER B 94 23.84 -17.42 15.62
CA SER B 94 24.14 -18.45 14.64
C SER B 94 24.93 -17.95 13.43
N GLY B 95 25.31 -16.67 13.38
CA GLY B 95 26.03 -16.11 12.27
C GLY B 95 25.32 -16.12 10.92
N LEU B 96 24.12 -16.68 10.84
CA LEU B 96 23.40 -16.74 9.57
C LEU B 96 23.04 -15.35 9.09
N VAL B 97 23.19 -15.13 7.79
CA VAL B 97 22.79 -13.88 7.14
C VAL B 97 21.40 -14.10 6.55
N MET B 98 20.43 -13.31 7.00
CA MET B 98 19.06 -13.44 6.57
C MET B 98 18.51 -12.07 6.18
N ALA B 99 17.44 -12.08 5.41
CA ALA B 99 16.69 -10.88 5.09
C ALA B 99 15.59 -10.70 6.13
N ARG B 100 15.46 -9.48 6.65
CA ARG B 100 14.49 -9.17 7.69
C ARG B 100 13.54 -8.10 7.17
N LYS B 101 12.32 -8.50 6.85
CA LYS B 101 11.28 -7.57 6.43
C LYS B 101 10.56 -7.03 7.67
N LEU B 102 10.38 -5.71 7.71
CA LEU B 102 9.71 -5.05 8.82
C LEU B 102 8.44 -4.40 8.30
N ILE B 103 7.30 -4.91 8.74
CA ILE B 103 5.99 -4.35 8.40
C ILE B 103 5.47 -3.60 9.62
N HIS B 104 5.20 -2.32 9.46
CA HIS B 104 4.61 -1.50 10.52
C HIS B 104 3.12 -1.37 10.25
N LEU B 105 2.32 -2.11 11.00
CA LEU B 105 0.87 -2.05 10.92
C LEU B 105 0.31 -1.45 12.19
N GLU B 106 -0.72 -0.62 12.04
CA GLU B 106 -1.42 -0.03 13.18
C GLU B 106 -2.71 -0.82 13.39
N ILE B 107 -2.55 -2.01 13.99
CA ILE B 107 -3.66 -2.92 14.25
C ILE B 107 -3.70 -3.20 15.75
N LYS B 108 -4.85 -3.69 16.21
CA LYS B 108 -4.97 -4.01 17.63
C LYS B 108 -4.22 -5.30 17.94
N PRO B 109 -3.75 -5.45 19.19
CA PRO B 109 -2.88 -6.60 19.51
C PRO B 109 -3.55 -7.94 19.27
N ALA B 110 -4.87 -8.04 19.38
CA ALA B 110 -5.56 -9.30 19.13
C ALA B 110 -5.37 -9.75 17.69
N ILE B 111 -5.54 -8.82 16.74
CA ILE B 111 -5.35 -9.14 15.33
C ILE B 111 -3.87 -9.39 15.04
N ARG B 112 -2.99 -8.65 15.72
CA ARG B 112 -1.55 -8.77 15.44
C ARG B 112 -1.01 -10.12 15.91
N ASN B 113 -1.36 -10.53 17.13
CA ASN B 113 -0.90 -11.83 17.63
C ASN B 113 -1.40 -12.97 16.76
N GLN B 114 -2.56 -12.79 16.12
CA GLN B 114 -3.06 -13.79 15.18
C GLN B 114 -2.19 -13.85 13.93
N ILE B 115 -1.70 -12.69 13.48
CA ILE B 115 -0.86 -12.65 12.29
C ILE B 115 0.43 -13.44 12.52
N ILE B 116 1.08 -13.22 13.67
CA ILE B 116 2.28 -13.97 14.00
C ILE B 116 1.98 -15.46 14.05
N ARG B 117 0.82 -15.82 14.63
CA ARG B 117 0.44 -17.23 14.69
C ARG B 117 0.19 -17.80 13.29
N GLU B 118 -0.47 -17.03 12.42
CA GLU B 118 -0.76 -17.52 11.08
C GLU B 118 0.50 -17.63 10.22
N LEU B 119 1.49 -16.77 10.46
CA LEU B 119 2.72 -16.79 9.67
C LEU B 119 3.57 -18.01 9.95
N GLN B 120 3.31 -18.76 11.02
CA GLN B 120 4.12 -19.93 11.34
C GLN B 120 3.86 -21.10 10.40
N VAL B 121 2.87 -21.01 9.52
CA VAL B 121 2.67 -22.01 8.48
C VAL B 121 3.85 -22.00 7.51
N LEU B 122 4.56 -20.87 7.41
CA LEU B 122 5.68 -20.77 6.49
C LEU B 122 6.83 -21.71 6.86
N HIS B 123 6.84 -22.23 8.09
CA HIS B 123 7.81 -23.27 8.45
C HIS B 123 7.56 -24.56 7.66
N GLU B 124 6.34 -24.76 7.16
CA GLU B 124 6.01 -25.95 6.39
C GLU B 124 6.29 -25.78 4.90
N CYS B 125 6.38 -24.55 4.40
CA CYS B 125 6.66 -24.30 2.99
C CYS B 125 8.15 -24.52 2.77
N ASN B 126 8.49 -25.65 2.15
CA ASN B 126 9.89 -26.02 1.88
C ASN B 126 9.96 -26.55 0.45
N SER B 127 10.25 -25.65 -0.48
CA SER B 127 10.37 -25.95 -1.91
C SER B 127 11.47 -25.09 -2.50
N PRO B 128 12.19 -25.60 -3.51
CA PRO B 128 13.22 -24.80 -4.18
C PRO B 128 12.68 -23.60 -4.93
N TYR B 129 11.35 -23.42 -5.00
CA TYR B 129 10.74 -22.30 -5.69
C TYR B 129 10.01 -21.37 -4.72
N ILE B 130 10.17 -21.59 -3.42
CA ILE B 130 9.63 -20.72 -2.38
C ILE B 130 10.79 -20.24 -1.52
N VAL B 131 10.83 -18.92 -1.26
CA VAL B 131 11.90 -18.36 -0.44
C VAL B 131 11.84 -18.96 0.95
N GLY B 132 13.02 -19.31 1.48
CA GLY B 132 13.08 -19.91 2.80
C GLY B 132 12.60 -18.95 3.88
N PHE B 133 12.10 -19.54 4.97
CA PHE B 133 11.52 -18.79 6.09
C PHE B 133 12.20 -19.25 7.37
N TYR B 134 12.75 -18.30 8.12
CA TYR B 134 13.45 -18.60 9.37
C TYR B 134 12.57 -18.42 10.60
N GLY B 135 11.67 -17.44 10.60
CA GLY B 135 10.83 -17.20 11.74
C GLY B 135 10.31 -15.78 11.80
N ALA B 136 9.06 -15.62 12.21
CA ALA B 136 8.43 -14.30 12.32
C ALA B 136 8.14 -13.98 13.77
N PHE B 137 8.24 -12.69 14.11
CA PHE B 137 7.98 -12.23 15.46
C PHE B 137 7.63 -10.75 15.42
N TYR B 138 7.19 -10.23 16.57
CA TYR B 138 6.76 -8.86 16.72
C TYR B 138 7.58 -8.18 17.81
N SER B 139 7.98 -6.94 17.56
CA SER B 139 8.80 -6.19 18.49
C SER B 139 8.83 -4.72 18.07
N ASP B 140 8.72 -3.83 19.06
CA ASP B 140 8.85 -2.38 18.85
C ASP B 140 7.84 -1.87 17.82
N GLY B 141 6.61 -2.38 17.89
CA GLY B 141 5.57 -1.90 17.01
C GLY B 141 5.70 -2.31 15.56
N GLU B 142 6.46 -3.35 15.26
CA GLU B 142 6.65 -3.79 13.89
C GLU B 142 6.75 -5.30 13.83
N ILE B 143 6.09 -5.90 12.83
CA ILE B 143 6.20 -7.32 12.58
C ILE B 143 7.45 -7.59 11.76
N SER B 144 8.30 -8.50 12.23
CA SER B 144 9.52 -8.87 11.54
C SER B 144 9.36 -10.28 10.98
N ILE B 145 9.46 -10.39 9.66
CA ILE B 145 9.47 -11.68 8.98
C ILE B 145 10.88 -11.93 8.49
N CYS B 146 11.51 -12.98 9.01
CA CYS B 146 12.88 -13.33 8.67
C CYS B 146 12.88 -14.42 7.61
N MET B 147 13.48 -14.12 6.46
CA MET B 147 13.54 -15.03 5.34
C MET B 147 14.98 -15.10 4.83
N GLU B 148 15.26 -16.11 3.99
CA GLU B 148 16.62 -16.31 3.52
C GLU B 148 17.04 -15.19 2.59
N HIS B 149 18.35 -14.90 2.60
CA HIS B 149 18.89 -13.82 1.79
C HIS B 149 19.08 -14.28 0.36
N MET B 150 18.50 -13.53 -0.57
CA MET B 150 18.66 -13.77 -2.00
C MET B 150 19.52 -12.63 -2.55
N ASP B 151 20.82 -12.91 -2.76
CA ASP B 151 21.78 -11.87 -3.11
C ASP B 151 21.56 -11.29 -4.51
N GLY B 152 20.60 -11.80 -5.29
CA GLY B 152 20.31 -11.23 -6.58
C GLY B 152 19.21 -10.19 -6.54
N GLY B 153 18.35 -10.25 -5.53
CA GLY B 153 17.26 -9.33 -5.39
C GLY B 153 16.03 -9.75 -6.18
N SER B 154 15.01 -8.91 -6.11
CA SER B 154 13.78 -9.19 -6.86
C SER B 154 14.00 -8.93 -8.35
N LEU B 155 13.15 -9.55 -9.16
CA LEU B 155 13.21 -9.31 -10.60
C LEU B 155 12.84 -7.88 -10.97
N ASP B 156 12.11 -7.18 -10.10
CA ASP B 156 11.82 -5.77 -10.35
C ASP B 156 13.09 -4.93 -10.31
N GLN B 157 14.01 -5.27 -9.41
CA GLN B 157 15.30 -4.60 -9.36
C GLN B 157 16.21 -5.03 -10.51
N VAL B 158 16.22 -6.33 -10.82
CA VAL B 158 17.04 -6.81 -11.94
C VAL B 158 16.56 -6.23 -13.26
N LEU B 159 15.26 -6.02 -13.41
CA LEU B 159 14.74 -5.43 -14.64
C LEU B 159 15.25 -4.01 -14.84
N LYS B 160 15.39 -3.25 -13.75
CA LYS B 160 15.91 -1.89 -13.86
C LYS B 160 17.35 -1.89 -14.34
N LYS B 161 18.18 -2.79 -13.81
CA LYS B 161 19.57 -2.87 -14.22
C LYS B 161 19.73 -3.50 -15.60
N ALA B 162 18.70 -4.18 -16.10
CA ALA B 162 18.76 -4.85 -17.40
C ALA B 162 18.07 -4.10 -18.52
N GLY B 163 17.14 -3.20 -18.18
CA GLY B 163 16.33 -2.57 -19.20
C GLY B 163 15.25 -3.52 -19.68
N ARG B 164 15.65 -4.55 -20.42
CA ARG B 164 14.76 -5.64 -20.81
C ARG B 164 15.42 -6.96 -20.44
N ILE B 165 14.61 -8.02 -20.36
CA ILE B 165 15.06 -9.35 -19.98
C ILE B 165 14.87 -10.27 -21.17
N PRO B 166 15.87 -11.08 -21.54
CA PRO B 166 15.73 -11.93 -22.73
C PRO B 166 14.63 -12.97 -22.58
N GLU B 167 14.05 -13.33 -23.72
CA GLU B 167 13.01 -14.37 -23.72
C GLU B 167 13.54 -15.69 -23.20
N GLN B 168 14.80 -16.00 -23.52
CA GLN B 168 15.41 -17.24 -23.03
C GLN B 168 15.50 -17.26 -21.50
N ILE B 169 15.68 -16.09 -20.89
CA ILE B 169 15.71 -16.02 -19.43
C ILE B 169 14.30 -16.08 -18.86
N LEU B 170 13.37 -15.33 -19.46
CA LEU B 170 11.98 -15.38 -19.00
C LEU B 170 11.37 -16.76 -19.15
N GLY B 171 11.94 -17.61 -20.00
CA GLY B 171 11.47 -18.98 -20.08
C GLY B 171 11.76 -19.75 -18.80
N LYS B 172 12.96 -19.58 -18.24
CA LYS B 172 13.27 -20.22 -16.97
C LYS B 172 12.49 -19.60 -15.82
N VAL B 173 12.24 -18.29 -15.88
CA VAL B 173 11.45 -17.63 -14.84
C VAL B 173 10.02 -18.13 -14.84
N SER B 174 9.44 -18.32 -16.03
CA SER B 174 8.08 -18.85 -16.12
C SER B 174 7.99 -20.24 -15.54
N ILE B 175 9.03 -21.05 -15.73
CA ILE B 175 9.02 -22.41 -15.18
C ILE B 175 9.00 -22.37 -13.66
N ALA B 176 9.80 -21.49 -13.06
CA ALA B 176 9.87 -21.43 -11.61
C ALA B 176 8.56 -20.90 -11.02
N VAL B 177 7.97 -19.89 -11.65
CA VAL B 177 6.72 -19.33 -11.13
C VAL B 177 5.60 -20.36 -11.22
N ILE B 178 5.53 -21.10 -12.33
CA ILE B 178 4.51 -22.13 -12.48
C ILE B 178 4.74 -23.25 -11.49
N LYS B 179 5.99 -23.66 -11.29
CA LYS B 179 6.28 -24.68 -10.29
C LYS B 179 6.04 -24.14 -8.88
N GLY B 180 6.33 -22.86 -8.65
CA GLY B 180 6.08 -22.28 -7.35
C GLY B 180 4.61 -22.18 -7.01
N LEU B 181 3.79 -21.74 -7.98
CA LEU B 181 2.35 -21.69 -7.76
C LEU B 181 1.76 -23.08 -7.59
N THR B 182 2.34 -24.08 -8.26
CA THR B 182 1.85 -25.46 -8.12
C THR B 182 2.09 -25.97 -6.71
N TYR B 183 3.30 -25.77 -6.18
CA TYR B 183 3.61 -26.23 -4.83
C TYR B 183 2.69 -25.59 -3.81
N LEU B 184 2.40 -24.29 -3.97
CA LEU B 184 1.49 -23.62 -3.06
C LEU B 184 0.06 -24.12 -3.22
N ARG B 185 -0.31 -24.54 -4.42
CA ARG B 185 -1.69 -24.97 -4.69
C ARG B 185 -1.94 -26.39 -4.22
N GLU B 186 -0.96 -27.28 -4.35
CA GLU B 186 -1.15 -28.69 -4.02
C GLU B 186 -0.77 -29.00 -2.58
N LYS B 187 0.44 -28.62 -2.17
CA LYS B 187 0.95 -29.01 -0.85
C LYS B 187 0.40 -28.15 0.28
N HIS B 188 -0.21 -27.00 -0.03
CA HIS B 188 -0.76 -26.15 1.02
C HIS B 188 -2.11 -25.53 0.68
N LYS B 189 -2.62 -25.71 -0.54
CA LYS B 189 -3.97 -25.27 -0.93
C LYS B 189 -4.13 -23.76 -0.76
N ILE B 190 -3.07 -22.99 -0.99
CA ILE B 190 -3.14 -21.54 -0.84
C ILE B 190 -2.79 -20.90 -2.16
N MET B 191 -3.40 -19.74 -2.41
CA MET B 191 -3.06 -18.92 -3.56
C MET B 191 -1.86 -18.05 -3.23
N HIS B 192 -1.36 -17.34 -4.25
CA HIS B 192 -0.31 -16.36 -4.05
C HIS B 192 -0.86 -14.94 -3.91
N ARG B 193 -1.87 -14.59 -4.71
CA ARG B 193 -2.62 -13.35 -4.59
C ARG B 193 -1.83 -12.10 -4.94
N ASP B 194 -0.52 -12.22 -5.14
CA ASP B 194 0.30 -11.04 -5.39
C ASP B 194 1.54 -11.42 -6.20
N VAL B 195 1.33 -12.02 -7.37
CA VAL B 195 2.43 -12.34 -8.27
C VAL B 195 2.80 -11.08 -9.03
N LYS B 196 4.05 -10.66 -8.90
CA LYS B 196 4.56 -9.47 -9.58
C LYS B 196 6.08 -9.52 -9.55
N PRO B 197 6.76 -8.76 -10.40
CA PRO B 197 8.23 -8.86 -10.47
C PRO B 197 8.92 -8.66 -9.13
N SER B 198 8.38 -7.83 -8.25
CA SER B 198 9.01 -7.56 -6.96
C SER B 198 8.84 -8.70 -5.96
N ASN B 199 8.05 -9.73 -6.28
CA ASN B 199 7.88 -10.88 -5.42
C ASN B 199 8.57 -12.13 -5.96
N ILE B 200 9.25 -12.03 -7.10
CA ILE B 200 10.04 -13.11 -7.65
C ILE B 200 11.51 -12.82 -7.31
N LEU B 201 12.11 -13.69 -6.50
CA LEU B 201 13.46 -13.48 -6.00
C LEU B 201 14.43 -14.45 -6.66
N VAL B 202 15.66 -13.97 -6.87
CA VAL B 202 16.70 -14.73 -7.53
C VAL B 202 18.01 -14.55 -6.75
N ASN B 203 18.92 -15.51 -6.91
CA ASN B 203 20.21 -15.48 -6.23
C ASN B 203 21.31 -15.92 -7.19
N SER B 204 22.55 -15.87 -6.71
CA SER B 204 23.70 -16.16 -7.55
C SER B 204 23.82 -17.64 -7.90
N ARG B 205 23.16 -18.52 -7.16
CA ARG B 205 23.17 -19.94 -7.46
C ARG B 205 22.13 -20.34 -8.50
N GLY B 206 21.59 -19.37 -9.23
CA GLY B 206 20.67 -19.64 -10.31
C GLY B 206 19.25 -19.96 -9.89
N GLU B 207 18.92 -19.82 -8.61
CA GLU B 207 17.58 -20.14 -8.14
C GLU B 207 16.62 -19.00 -8.41
N ILE B 208 15.35 -19.36 -8.61
CA ILE B 208 14.26 -18.41 -8.79
C ILE B 208 13.12 -18.84 -7.89
N LYS B 209 12.73 -17.98 -6.96
CA LYS B 209 11.77 -18.34 -5.93
C LYS B 209 10.69 -17.28 -5.81
N LEU B 210 9.51 -17.71 -5.36
CA LEU B 210 8.41 -16.82 -5.03
C LEU B 210 8.47 -16.46 -3.55
N CYS B 211 7.84 -15.34 -3.21
CA CYS B 211 7.72 -14.92 -1.82
C CYS B 211 6.58 -13.90 -1.72
N ASP B 212 6.28 -13.48 -0.50
CA ASP B 212 5.26 -12.48 -0.21
C ASP B 212 3.88 -12.93 -0.69
N PHE B 213 3.55 -14.20 -0.47
CA PHE B 213 2.25 -14.73 -0.84
C PHE B 213 1.32 -14.74 0.36
N GLY B 214 0.03 -14.65 0.08
CA GLY B 214 -0.98 -14.60 1.13
C GLY B 214 -1.09 -15.90 1.90
N VAL B 215 -0.36 -15.99 3.02
CA VAL B 215 -0.40 -17.17 3.87
C VAL B 215 -1.22 -16.84 5.12
N SER B 216 -1.19 -15.57 5.53
CA SER B 216 -1.91 -15.10 6.70
C SER B 216 -3.13 -14.30 6.24
N GLY B 217 -4.32 -14.85 6.48
CA GLY B 217 -5.54 -14.16 6.10
C GLY B 217 -5.75 -12.86 6.84
N GLN B 218 -5.31 -12.79 8.10
CA GLN B 218 -5.45 -11.56 8.86
C GLN B 218 -4.45 -10.51 8.38
N LEU B 219 -3.30 -10.93 7.88
CA LEU B 219 -2.33 -9.98 7.31
C LEU B 219 -2.83 -9.42 6.00
N ILE B 220 -3.56 -10.22 5.21
CA ILE B 220 -4.11 -9.74 3.94
C ILE B 220 -5.14 -8.64 4.20
N ASP B 221 -6.03 -8.87 5.17
CA ASP B 221 -7.07 -7.89 5.47
C ASP B 221 -6.48 -6.66 6.15
N ALA B 222 -5.42 -6.82 6.94
CA ALA B 222 -4.77 -5.67 7.55
C ALA B 222 -4.11 -4.79 6.51
N MET B 223 -3.56 -5.38 5.44
CA MET B 223 -2.93 -4.61 4.39
C MET B 223 -3.95 -3.90 3.50
N ALA B 224 -5.22 -4.30 3.56
CA ALA B 224 -6.24 -3.66 2.73
C ALA B 224 -6.45 -2.19 3.06
N ASN B 225 -6.11 -1.78 4.28
CA ASN B 225 -6.16 -0.36 4.66
C ASN B 225 -4.79 0.29 4.42
N ALA B 226 -4.37 0.25 3.17
CA ALA B 226 -3.11 0.86 2.74
C ALA B 226 -3.40 2.04 1.84
N PHE B 227 -2.39 2.91 1.69
CA PHE B 227 -2.50 3.98 0.73
C PHE B 227 -2.50 3.43 -0.69
N VAL B 228 -2.99 4.24 -1.62
CA VAL B 228 -3.08 3.84 -3.01
C VAL B 228 -1.70 3.66 -3.59
N GLY B 229 -1.51 2.61 -4.40
CA GLY B 229 -0.28 2.42 -5.13
C GLY B 229 -0.27 3.19 -6.44
N THR B 230 0.68 2.82 -7.29
CA THR B 230 0.81 3.43 -8.60
C THR B 230 0.36 2.51 -9.73
N ARG B 231 0.64 1.21 -9.65
CA ARG B 231 0.25 0.26 -10.67
C ARG B 231 -0.30 -0.99 -10.02
N SER B 232 -1.10 -1.73 -10.78
CA SER B 232 -1.79 -2.91 -10.27
C SER B 232 -1.55 -4.10 -11.19
N TYR B 233 -1.32 -5.26 -10.59
CA TYR B 233 -1.22 -6.51 -11.32
C TYR B 233 -2.46 -7.37 -11.07
N MET B 234 -3.59 -6.74 -10.79
CA MET B 234 -4.75 -7.46 -10.27
C MET B 234 -5.63 -7.94 -11.41
N SER B 235 -5.92 -9.23 -11.42
CA SER B 235 -6.69 -9.80 -12.53
C SER B 235 -8.08 -9.16 -12.59
N PRO B 236 -8.65 -9.00 -13.80
CA PRO B 236 -9.95 -8.31 -13.92
C PRO B 236 -11.07 -8.91 -13.09
N GLU B 237 -11.07 -10.22 -12.85
CA GLU B 237 -12.11 -10.78 -11.99
C GLU B 237 -11.94 -10.30 -10.55
N ARG B 238 -10.72 -10.37 -10.02
CA ARG B 238 -10.48 -9.91 -8.64
C ARG B 238 -10.85 -8.45 -8.46
N LEU B 239 -10.61 -7.61 -9.46
CA LEU B 239 -10.99 -6.20 -9.37
C LEU B 239 -12.49 -6.01 -9.24
N GLN B 240 -13.28 -7.05 -9.52
CA GLN B 240 -14.72 -6.91 -9.64
C GLN B 240 -15.47 -7.82 -8.68
N GLY B 241 -14.78 -8.60 -7.86
CA GLY B 241 -15.43 -9.59 -7.03
C GLY B 241 -14.68 -10.90 -7.06
N THR B 242 -14.77 -11.65 -5.95
CA THR B 242 -13.99 -12.85 -5.64
C THR B 242 -13.33 -13.57 -6.82
N HIS B 243 -12.04 -13.85 -6.66
CA HIS B 243 -11.14 -14.46 -7.63
C HIS B 243 -11.56 -15.82 -8.20
N TYR B 244 -10.85 -16.28 -9.23
CA TYR B 244 -11.03 -17.60 -9.81
C TYR B 244 -9.84 -18.52 -9.50
N SER B 245 -9.47 -18.60 -8.24
CA SER B 245 -8.42 -19.53 -7.77
C SER B 245 -7.11 -19.18 -8.48
N VAL B 246 -6.24 -20.19 -8.65
CA VAL B 246 -4.91 -19.97 -9.19
C VAL B 246 -4.93 -19.33 -10.58
N GLN B 247 -6.07 -19.38 -11.27
CA GLN B 247 -6.19 -18.70 -12.57
C GLN B 247 -5.85 -17.22 -12.43
N SER B 248 -6.26 -16.58 -11.33
CA SER B 248 -6.03 -15.15 -11.16
C SER B 248 -4.56 -14.85 -10.89
N ASP B 249 -3.82 -15.80 -10.32
CA ASP B 249 -2.38 -15.64 -10.20
C ASP B 249 -1.70 -15.75 -11.55
N ILE B 250 -2.27 -16.53 -12.45
CA ILE B 250 -1.65 -16.75 -13.76
C ILE B 250 -1.72 -15.47 -14.60
N TRP B 251 -2.81 -14.72 -14.48
CA TRP B 251 -2.88 -13.43 -15.15
C TRP B 251 -1.74 -12.53 -14.72
N SER B 252 -1.49 -12.45 -13.41
CA SER B 252 -0.44 -11.58 -12.90
C SER B 252 0.94 -12.00 -13.41
N MET B 253 1.17 -13.32 -13.49
CA MET B 253 2.44 -13.79 -14.05
C MET B 253 2.60 -13.35 -15.49
N GLY B 254 1.54 -13.47 -16.29
CA GLY B 254 1.60 -13.02 -17.67
C GLY B 254 1.84 -11.53 -17.78
N LEU B 255 1.13 -10.74 -16.96
CA LEU B 255 1.35 -9.30 -16.95
C LEU B 255 2.76 -8.96 -16.49
N SER B 256 3.31 -9.75 -15.56
CA SER B 256 4.69 -9.54 -15.13
C SER B 256 5.69 -9.93 -16.20
N LEU B 257 5.37 -10.96 -16.99
CA LEU B 257 6.26 -11.36 -18.08
C LEU B 257 6.33 -10.28 -19.15
N VAL B 258 5.18 -9.71 -19.52
CA VAL B 258 5.16 -8.67 -20.54
C VAL B 258 5.95 -7.46 -20.10
N GLU B 259 5.82 -7.07 -18.82
CA GLU B 259 6.55 -5.92 -18.32
C GLU B 259 8.05 -6.15 -18.35
N MET B 260 8.49 -7.35 -17.96
CA MET B 260 9.92 -7.64 -17.95
C MET B 260 10.45 -7.87 -19.37
N ALA B 261 9.59 -8.32 -20.29
CA ALA B 261 10.05 -8.55 -21.66
C ALA B 261 10.29 -7.25 -22.39
N VAL B 262 9.44 -6.24 -22.14
CA VAL B 262 9.57 -4.95 -22.81
C VAL B 262 10.23 -3.89 -21.94
N GLY B 263 10.40 -4.15 -20.64
CA GLY B 263 11.01 -3.17 -19.76
C GLY B 263 10.12 -1.99 -19.43
N ARG B 264 8.80 -2.20 -19.43
CA ARG B 264 7.86 -1.12 -19.21
C ARG B 264 6.53 -1.71 -18.78
N TYR B 265 5.89 -1.06 -17.81
CA TYR B 265 4.59 -1.52 -17.33
C TYR B 265 3.58 -1.46 -18.47
N PRO B 266 2.95 -2.57 -18.86
CA PRO B 266 2.23 -2.61 -20.13
C PRO B 266 0.81 -2.05 -20.09
N ILE B 267 0.47 -1.29 -19.06
CA ILE B 267 -0.86 -0.67 -18.99
C ILE B 267 -0.69 0.84 -18.87
N PRO B 268 -1.05 1.62 -19.89
CA PRO B 268 -1.57 1.15 -21.17
C PRO B 268 -0.47 0.65 -22.11
N PRO B 269 -0.84 -0.11 -23.13
CA PRO B 269 0.16 -0.64 -24.09
C PRO B 269 0.96 0.49 -24.71
N PRO B 270 2.14 0.20 -25.24
CA PRO B 270 3.02 1.26 -25.78
C PRO B 270 2.29 2.15 -26.78
N ASP B 271 2.62 3.43 -26.73
CA ASP B 271 1.85 4.49 -27.39
C ASP B 271 2.10 4.54 -28.89
N ALA B 272 2.86 5.55 -29.34
CA ALA B 272 3.14 5.73 -30.76
C ALA B 272 4.36 4.92 -31.17
N LYS B 273 5.38 5.60 -31.70
CA LYS B 273 6.62 4.97 -32.11
C LYS B 273 7.42 4.46 -30.91
N GLU B 274 6.81 4.52 -29.73
CA GLU B 274 7.48 4.02 -28.53
C GLU B 274 7.84 2.55 -28.66
N LEU B 275 7.04 1.78 -29.42
CA LEU B 275 7.32 0.37 -29.60
C LEU B 275 8.48 0.14 -30.56
N GLU B 276 8.52 0.87 -31.69
CA GLU B 276 9.66 0.77 -32.60
C GLU B 276 10.94 1.28 -31.94
N LEU B 277 10.81 2.09 -30.89
CA LEU B 277 11.94 2.43 -30.02
C LEU B 277 12.23 1.24 -29.12
N MET B 278 12.75 0.19 -29.73
CA MET B 278 12.96 -1.08 -29.05
C MET B 278 14.44 -1.38 -28.87
N PRO B 311 1.00 9.58 -17.76
CA PRO B 311 0.99 9.30 -16.32
C PRO B 311 -0.40 8.89 -15.84
N MET B 312 -0.85 7.72 -16.27
CA MET B 312 -2.24 7.32 -16.06
C MET B 312 -2.57 7.18 -14.58
N ALA B 313 -3.79 7.57 -14.23
CA ALA B 313 -4.24 7.49 -12.85
C ALA B 313 -4.52 6.04 -12.47
N ILE B 314 -4.43 5.77 -11.16
CA ILE B 314 -4.55 4.40 -10.66
C ILE B 314 -5.93 3.84 -11.00
N PHE B 315 -6.98 4.66 -10.89
CA PHE B 315 -8.31 4.16 -11.19
C PHE B 315 -8.47 3.85 -12.66
N GLU B 316 -7.85 4.65 -13.54
CA GLU B 316 -7.98 4.40 -14.97
C GLU B 316 -7.22 3.16 -15.40
N LEU B 317 -6.12 2.82 -14.71
CA LEU B 317 -5.48 1.54 -14.94
C LEU B 317 -6.40 0.39 -14.59
N LEU B 318 -7.10 0.49 -13.46
CA LEU B 318 -8.05 -0.54 -13.08
C LEU B 318 -9.22 -0.61 -14.05
N ASP B 319 -9.71 0.56 -14.49
CA ASP B 319 -10.80 0.57 -15.47
C ASP B 319 -10.32 0.05 -16.83
N TYR B 320 -9.02 0.22 -17.13
CA TYR B 320 -8.49 -0.34 -18.37
C TYR B 320 -8.44 -1.86 -18.31
N ILE B 321 -7.92 -2.41 -17.21
CA ILE B 321 -7.79 -3.86 -17.08
C ILE B 321 -9.15 -4.53 -17.19
N VAL B 322 -10.20 -3.85 -16.73
CA VAL B 322 -11.53 -4.47 -16.71
C VAL B 322 -12.23 -4.30 -18.06
N ASN B 323 -12.15 -3.13 -18.66
CA ASN B 323 -13.00 -2.78 -19.78
C ASN B 323 -12.22 -2.50 -21.06
N GLU B 324 -11.04 -3.07 -21.22
CA GLU B 324 -10.23 -2.89 -22.41
C GLU B 324 -9.57 -4.21 -22.77
N PRO B 325 -9.18 -4.39 -24.03
CA PRO B 325 -8.50 -5.63 -24.41
C PRO B 325 -7.19 -5.77 -23.68
N PRO B 326 -6.79 -7.00 -23.36
CA PRO B 326 -5.55 -7.20 -22.59
C PRO B 326 -4.33 -6.87 -23.41
N PRO B 327 -3.21 -6.53 -22.77
CA PRO B 327 -2.00 -6.21 -23.52
C PRO B 327 -1.41 -7.46 -24.18
N LYS B 328 -0.45 -7.22 -25.06
CA LYS B 328 0.17 -8.29 -25.83
C LYS B 328 1.58 -7.89 -26.18
N LEU B 329 2.40 -8.90 -26.50
CA LEU B 329 3.76 -8.65 -26.92
C LEU B 329 3.80 -8.09 -28.33
N PRO B 330 4.85 -7.36 -28.68
CA PRO B 330 5.04 -6.95 -30.07
C PRO B 330 5.23 -8.16 -30.97
N SER B 331 4.71 -8.04 -32.20
CA SER B 331 4.63 -9.19 -33.10
C SER B 331 5.96 -9.57 -33.73
N GLY B 332 6.95 -8.67 -33.72
CA GLY B 332 8.16 -8.93 -34.47
C GLY B 332 9.38 -9.35 -33.67
N VAL B 333 9.36 -9.13 -32.36
CA VAL B 333 10.56 -9.25 -31.55
C VAL B 333 10.65 -10.60 -30.86
N PHE B 334 9.50 -11.18 -30.52
CA PHE B 334 9.45 -12.40 -29.73
C PHE B 334 8.87 -13.55 -30.54
N SER B 335 9.26 -14.77 -30.17
CA SER B 335 8.80 -15.96 -30.86
C SER B 335 7.29 -16.14 -30.68
N LEU B 336 6.69 -16.90 -31.60
CA LEU B 336 5.25 -17.12 -31.52
C LEU B 336 4.87 -18.00 -30.35
N GLU B 337 5.78 -18.91 -29.94
CA GLU B 337 5.49 -19.72 -28.75
C GLU B 337 5.40 -18.85 -27.50
N PHE B 338 6.28 -17.85 -27.39
CA PHE B 338 6.23 -16.94 -26.26
C PHE B 338 5.01 -16.01 -26.35
N GLN B 339 4.73 -15.50 -27.56
CA GLN B 339 3.58 -14.61 -27.72
C GLN B 339 2.28 -15.32 -27.39
N ASP B 340 2.15 -16.59 -27.79
CA ASP B 340 0.95 -17.35 -27.47
C ASP B 340 0.89 -17.72 -26.00
N PHE B 341 2.06 -17.90 -25.36
CA PHE B 341 2.08 -18.22 -23.94
C PHE B 341 1.51 -17.09 -23.10
N VAL B 342 1.94 -15.85 -23.37
CA VAL B 342 1.43 -14.72 -22.61
C VAL B 342 0.00 -14.40 -23.00
N ASN B 343 -0.41 -14.74 -24.22
CA ASN B 343 -1.78 -14.46 -24.64
C ASN B 343 -2.77 -15.40 -23.98
N LYS B 344 -2.37 -16.65 -23.73
CA LYS B 344 -3.22 -17.55 -22.96
C LYS B 344 -3.28 -17.17 -21.49
N CYS B 345 -2.26 -16.47 -20.99
CA CYS B 345 -2.24 -16.04 -19.60
C CYS B 345 -3.03 -14.75 -19.37
N LEU B 346 -3.31 -13.98 -20.43
CA LEU B 346 -3.96 -12.68 -20.28
C LEU B 346 -5.39 -12.68 -20.82
N ILE B 347 -6.00 -13.86 -20.97
CA ILE B 347 -7.41 -13.92 -21.35
C ILE B 347 -8.25 -13.34 -20.22
N LYS B 348 -9.11 -12.37 -20.55
CA LYS B 348 -9.84 -11.65 -19.52
C LYS B 348 -10.85 -12.54 -18.81
N ASN B 349 -11.37 -13.56 -19.48
CA ASN B 349 -12.23 -14.54 -18.82
C ASN B 349 -11.36 -15.52 -18.05
N PRO B 350 -11.52 -15.65 -16.73
CA PRO B 350 -10.65 -16.55 -15.96
C PRO B 350 -10.88 -18.01 -16.29
N ALA B 351 -12.04 -18.38 -16.82
CA ALA B 351 -12.28 -19.78 -17.19
C ALA B 351 -11.63 -20.13 -18.52
N GLU B 352 -11.67 -19.21 -19.49
CA GLU B 352 -10.96 -19.44 -20.75
C GLU B 352 -9.45 -19.34 -20.58
N ARG B 353 -8.98 -18.70 -19.51
CA ARG B 353 -7.56 -18.58 -19.24
C ARG B 353 -6.96 -19.96 -18.98
N ALA B 354 -5.68 -20.11 -19.35
CA ALA B 354 -4.99 -21.37 -19.13
C ALA B 354 -4.70 -21.58 -17.66
N ASP B 355 -4.69 -22.84 -17.24
CA ASP B 355 -4.37 -23.21 -15.87
C ASP B 355 -2.94 -23.73 -15.79
N LEU B 356 -2.53 -24.12 -14.58
CA LEU B 356 -1.17 -24.60 -14.37
C LEU B 356 -0.92 -25.89 -15.14
N LYS B 357 -1.93 -26.74 -15.29
CA LYS B 357 -1.75 -27.98 -16.03
C LYS B 357 -1.47 -27.72 -17.51
N GLN B 358 -2.16 -26.74 -18.11
CA GLN B 358 -1.97 -26.45 -19.51
C GLN B 358 -0.67 -25.69 -19.75
N LEU B 359 -0.36 -24.70 -18.91
CA LEU B 359 0.86 -23.93 -19.09
C LEU B 359 2.11 -24.80 -18.92
N MET B 360 2.01 -25.84 -18.08
CA MET B 360 3.16 -26.69 -17.84
C MET B 360 3.59 -27.44 -19.10
N VAL B 361 2.64 -27.73 -19.99
CA VAL B 361 2.92 -28.45 -21.22
C VAL B 361 2.74 -27.56 -22.45
N HIS B 362 2.83 -26.25 -22.28
CA HIS B 362 2.76 -25.35 -23.42
C HIS B 362 4.06 -25.45 -24.23
N ALA B 363 3.96 -25.04 -25.51
CA ALA B 363 5.11 -25.12 -26.39
C ALA B 363 6.27 -24.28 -25.88
N PHE B 364 5.99 -23.06 -25.43
CA PHE B 364 7.04 -22.17 -24.95
C PHE B 364 7.74 -22.75 -23.72
N ILE B 365 7.02 -23.54 -22.92
CA ILE B 365 7.62 -24.10 -21.71
C ILE B 365 8.41 -25.36 -22.04
N LYS B 366 7.86 -26.22 -22.90
CA LYS B 366 8.60 -27.41 -23.33
C LYS B 366 9.94 -27.02 -23.96
N ARG B 367 9.95 -25.92 -24.72
CA ARG B 367 11.18 -25.48 -25.35
C ARG B 367 12.13 -24.84 -24.33
N SER B 368 11.63 -23.89 -23.57
CA SER B 368 12.48 -23.18 -22.61
C SER B 368 13.03 -24.10 -21.53
N ASP B 369 12.36 -25.23 -21.27
CA ASP B 369 12.87 -26.19 -20.31
C ASP B 369 14.01 -27.02 -20.90
N ALA B 370 13.99 -27.25 -22.21
CA ALA B 370 15.06 -28.00 -22.85
C ALA B 370 16.31 -27.16 -23.08
N GLU B 371 16.16 -25.85 -23.19
CA GLU B 371 17.31 -24.98 -23.41
C GLU B 371 18.22 -24.97 -22.20
N GLU B 372 19.52 -25.03 -22.44
CA GLU B 372 20.52 -24.99 -21.38
C GLU B 372 21.07 -23.56 -21.29
N VAL B 373 20.29 -22.70 -20.65
CA VAL B 373 20.66 -21.30 -20.48
C VAL B 373 21.38 -21.14 -19.15
N ASP B 374 22.39 -20.27 -19.14
CA ASP B 374 23.16 -19.97 -17.93
C ASP B 374 22.49 -18.78 -17.24
N PHE B 375 21.56 -19.08 -16.33
CA PHE B 375 20.84 -18.00 -15.66
C PHE B 375 21.72 -17.31 -14.63
N ALA B 376 22.44 -18.09 -13.82
CA ALA B 376 23.27 -17.50 -12.76
C ALA B 376 24.32 -16.56 -13.33
N GLY B 377 24.94 -16.94 -14.45
CA GLY B 377 25.93 -16.07 -15.07
C GLY B 377 25.33 -14.81 -15.64
N TRP B 378 24.15 -14.92 -16.26
CA TRP B 378 23.47 -13.75 -16.81
C TRP B 378 23.11 -12.77 -15.71
N LEU B 379 22.73 -13.28 -14.54
CA LEU B 379 22.33 -12.40 -13.44
C LEU B 379 23.51 -11.59 -12.92
N CYS B 380 24.62 -12.25 -12.60
CA CYS B 380 25.77 -11.55 -12.06
C CYS B 380 26.36 -10.58 -13.08
N SER B 381 26.26 -10.89 -14.37
CA SER B 381 26.69 -9.94 -15.39
C SER B 381 25.83 -8.69 -15.39
N THR B 382 24.51 -8.87 -15.22
CA THR B 382 23.60 -7.73 -15.25
C THR B 382 23.81 -6.81 -14.06
N ILE B 383 24.09 -7.38 -12.89
CA ILE B 383 24.30 -6.55 -11.70
C ILE B 383 25.68 -5.90 -11.72
N GLY B 384 26.69 -6.58 -12.25
CA GLY B 384 28.02 -6.02 -12.32
C GLY B 384 29.04 -6.80 -11.51
N LEU B 385 28.67 -7.99 -11.08
CA LEU B 385 29.54 -8.85 -10.29
C LEU B 385 30.16 -9.94 -11.15
N ASN B 386 31.19 -10.58 -10.61
CA ASN B 386 31.81 -11.70 -11.29
C ASN B 386 30.98 -12.97 -11.10
N GLN B 387 31.17 -13.92 -12.00
CA GLN B 387 30.31 -15.10 -12.06
C GLN B 387 30.90 -16.27 -11.28
#